data_2WGU
#
_entry.id   2WGU
#
_cell.length_a   61.140
_cell.length_b   69.930
_cell.length_c   74.450
_cell.angle_alpha   90.00
_cell.angle_beta   94.35
_cell.angle_gamma   90.00
#
_symmetry.space_group_name_H-M   'P 1 21 1'
#
loop_
_entity.id
_entity.type
_entity.pdbx_description
1 polymer 'FIBER PROTEIN'
2 non-polymer '3,5-dideoxy-5-[(methoxycarbonyl)amino]-D-glycero-alpha-D-galacto-non-2-ulopyranosonic acid'
3 non-polymer 'ZINC ION'
4 water water
#
_entity_poly.entity_id   1
_entity_poly.type   'polypeptide(L)'
_entity_poly.pdbx_seq_one_letter_code
;GAMGSWNPKYDTRTLWTTPDTSPNCTIAQDKDSKLTLVLTKCGSQILANVSLIVVAGKYHIINNKTNPKIKSFTIKLLFN
KNGVLLDNSNLGKAYWNFRSGNSNVSTAYEKAIGFMPNLVAYPKPSNSKKYARDIVYGTIYLGGKPDQPAVIKTTFNQET
GCEYSITFNFSWSKTYENVEFETTSFTFSYIAQE
;
_entity_poly.pdbx_strand_id   A,B,C
#
# COMPACT_ATOMS: atom_id res chain seq x y z
N TYR A 10 19.04 12.04 -5.88
CA TYR A 10 18.13 10.97 -5.39
C TYR A 10 17.45 10.29 -6.58
N ASP A 11 16.63 11.07 -7.27
CA ASP A 11 15.81 10.61 -8.40
C ASP A 11 15.07 9.30 -8.16
N THR A 12 15.79 8.18 -8.22
CA THR A 12 15.17 6.85 -8.29
C THR A 12 15.95 5.79 -7.46
N ARG A 13 16.73 6.26 -6.50
CA ARG A 13 17.61 5.38 -5.75
C ARG A 13 16.86 4.70 -4.59
N THR A 14 17.55 3.76 -3.96
CA THR A 14 17.05 3.06 -2.79
C THR A 14 18.01 3.25 -1.62
N LEU A 15 17.44 3.71 -0.51
CA LEU A 15 18.10 3.78 0.76
C LEU A 15 17.52 2.61 1.57
N TRP A 16 18.40 1.80 2.17
CA TRP A 16 17.93 0.60 2.85
C TRP A 16 18.83 0.14 4.00
N THR A 17 18.38 -0.90 4.69
CA THR A 17 19.09 -1.50 5.82
C THR A 17 19.93 -2.71 5.42
N THR A 18 19.94 -2.98 4.11
CA THR A 18 20.27 -4.28 3.53
C THR A 18 19.19 -5.30 3.91
N PRO A 19 18.99 -6.32 3.07
CA PRO A 19 17.99 -7.34 3.32
C PRO A 19 18.48 -8.59 4.05
N ASP A 20 19.67 -8.57 4.67
CA ASP A 20 20.12 -9.70 5.49
C ASP A 20 19.32 -9.75 6.80
N THR A 21 19.57 -10.78 7.61
CA THR A 21 18.90 -10.90 8.92
C THR A 21 19.82 -10.64 10.12
N SER A 22 20.88 -9.87 9.91
CA SER A 22 21.81 -9.52 10.99
C SER A 22 21.29 -8.33 11.81
N PRO A 23 21.14 -8.49 13.13
CA PRO A 23 20.57 -7.44 13.96
C PRO A 23 21.24 -6.08 13.78
N ASN A 24 20.43 -5.05 13.60
CA ASN A 24 20.90 -3.70 13.31
C ASN A 24 20.22 -2.66 14.18
N CYS A 25 19.55 -3.11 15.24
CA CYS A 25 18.58 -2.27 15.92
C CYS A 25 18.47 -2.62 17.40
N THR A 26 18.20 -1.60 18.22
CA THR A 26 18.20 -1.69 19.67
C THR A 26 16.90 -1.14 20.24
N ILE A 27 16.01 -2.04 20.67
CA ILE A 27 14.73 -1.66 21.28
C ILE A 27 14.86 -1.58 22.79
N ALA A 28 15.21 -2.70 23.41
CA ALA A 28 15.29 -2.85 24.86
C ALA A 28 16.75 -3.08 25.29
N GLN A 29 17.48 -3.84 24.48
CA GLN A 29 18.91 -4.04 24.71
C GLN A 29 19.65 -4.07 23.38
N ASP A 30 20.97 -3.95 23.48
CA ASP A 30 21.82 -3.75 22.30
C ASP A 30 21.64 -4.80 21.21
N LYS A 31 21.32 -4.33 20.00
CA LYS A 31 21.22 -5.19 18.80
C LYS A 31 20.25 -6.37 19.00
N ASP A 32 19.13 -6.09 19.65
CA ASP A 32 18.12 -7.12 19.91
C ASP A 32 17.20 -7.41 18.72
N SER A 33 17.39 -6.70 17.61
CA SER A 33 16.46 -6.77 16.49
C SER A 33 17.07 -6.43 15.14
N LYS A 34 16.46 -7.01 14.09
CA LYS A 34 16.70 -6.64 12.71
C LYS A 34 15.46 -5.90 12.16
N LEU A 35 15.60 -4.60 11.95
CA LEU A 35 14.62 -3.81 11.20
C LEU A 35 15.01 -3.87 9.73
N THR A 36 14.12 -4.41 8.89
CA THR A 36 14.37 -4.40 7.46
C THR A 36 13.51 -3.28 6.87
N LEU A 37 14.17 -2.26 6.32
CA LEU A 37 13.48 -1.06 5.84
C LEU A 37 14.09 -0.65 4.49
N VAL A 38 13.23 -0.47 3.50
CA VAL A 38 13.64 -0.15 2.14
C VAL A 38 12.83 1.07 1.71
N LEU A 39 13.53 2.18 1.48
CA LEU A 39 12.93 3.44 1.02
C LEU A 39 13.36 3.69 -0.42
N THR A 40 12.40 3.72 -1.33
CA THR A 40 12.69 3.87 -2.76
C THR A 40 12.06 5.16 -3.24
N LYS A 41 12.82 5.98 -3.93
CA LYS A 41 12.29 7.27 -4.37
C LYS A 41 11.60 7.14 -5.71
N CYS A 42 10.32 7.53 -5.71
CA CYS A 42 9.50 7.60 -6.89
C CYS A 42 8.99 9.04 -6.99
N GLY A 43 9.91 9.92 -7.39
CA GLY A 43 9.62 11.34 -7.47
C GLY A 43 9.28 11.95 -6.13
N SER A 44 8.13 12.63 -6.07
CA SER A 44 7.66 13.33 -4.87
C SER A 44 7.10 12.39 -3.78
N GLN A 45 7.13 11.08 -4.03
CA GLN A 45 6.82 10.08 -2.98
C GLN A 45 7.90 9.03 -2.79
N ILE A 46 8.08 8.65 -1.52
CA ILE A 46 8.93 7.55 -1.13
C ILE A 46 8.05 6.32 -0.89
N LEU A 47 8.34 5.25 -1.61
CA LEU A 47 7.70 3.96 -1.43
C LEU A 47 8.50 3.23 -0.37
N ALA A 48 7.84 2.93 0.74
CA ALA A 48 8.49 2.29 1.91
C ALA A 48 8.03 0.85 2.11
N ASN A 49 8.97 -0.04 2.44
CA ASN A 49 8.67 -1.43 2.76
C ASN A 49 9.38 -1.81 4.07
N VAL A 50 8.62 -2.37 5.02
CA VAL A 50 9.16 -2.60 6.36
C VAL A 50 8.76 -3.96 6.95
N SER A 51 9.67 -4.57 7.69
CA SER A 51 9.38 -5.71 8.57
C SER A 51 10.35 -5.70 9.75
N LEU A 52 10.04 -6.51 10.75
CA LEU A 52 10.85 -6.58 11.97
C LEU A 52 11.02 -8.02 12.45
N ILE A 53 12.26 -8.35 12.82
CA ILE A 53 12.60 -9.59 13.54
C ILE A 53 13.21 -9.16 14.89
N VAL A 54 12.58 -9.53 16.01
CA VAL A 54 13.22 -9.34 17.32
C VAL A 54 13.90 -10.67 17.66
N VAL A 55 15.19 -10.62 17.96
CA VAL A 55 15.98 -11.85 18.15
C VAL A 55 16.37 -12.13 19.62
N ALA A 56 16.24 -11.14 20.48
CA ALA A 56 16.65 -11.26 21.86
C ALA A 56 15.96 -10.25 22.73
N GLY A 57 16.06 -10.48 24.03
CA GLY A 57 15.58 -9.51 25.01
C GLY A 57 14.08 -9.50 25.25
N LYS A 58 13.65 -8.39 25.84
CA LYS A 58 12.32 -8.20 26.39
C LYS A 58 11.16 -8.47 25.40
N TYR A 59 11.37 -8.06 24.15
CA TYR A 59 10.31 -8.13 23.14
C TYR A 59 10.44 -9.30 22.18
N HIS A 60 11.31 -10.24 22.50
CA HIS A 60 11.56 -11.37 21.65
C HIS A 60 10.43 -12.42 21.72
N ILE A 61 10.10 -12.87 22.93
CA ILE A 61 9.03 -13.84 23.14
C ILE A 61 8.00 -13.17 24.03
N ILE A 62 6.81 -12.95 23.47
CA ILE A 62 5.73 -12.27 24.19
C ILE A 62 4.84 -13.27 24.93
N ASN A 63 4.62 -13.03 26.22
CA ASN A 63 3.66 -13.80 26.99
C ASN A 63 2.85 -12.83 27.83
N ASN A 64 1.63 -12.53 27.36
CA ASN A 64 0.70 -11.61 28.01
C ASN A 64 -0.21 -12.26 29.08
N LYS A 65 -0.01 -13.54 29.32
CA LYS A 65 -0.63 -14.22 30.47
C LYS A 65 0.22 -13.93 31.72
N THR A 66 1.53 -14.10 31.60
CA THR A 66 2.47 -13.77 32.68
C THR A 66 2.79 -12.25 32.75
N ASN A 67 2.79 -11.58 31.59
CA ASN A 67 3.13 -10.16 31.52
C ASN A 67 2.11 -9.37 30.70
N PRO A 68 0.86 -9.27 31.22
CA PRO A 68 -0.22 -8.59 30.48
C PRO A 68 0.04 -7.14 30.04
N LYS A 69 1.00 -6.47 30.65
CA LYS A 69 1.25 -5.05 30.35
C LYS A 69 2.25 -4.80 29.22
N ILE A 70 2.99 -5.84 28.82
CA ILE A 70 3.94 -5.75 27.70
C ILE A 70 3.16 -5.80 26.38
N LYS A 71 2.83 -4.62 25.84
CA LYS A 71 1.86 -4.50 24.73
C LYS A 71 2.29 -3.60 23.57
N SER A 72 3.44 -2.93 23.72
CA SER A 72 3.94 -2.04 22.67
C SER A 72 5.41 -1.67 22.84
N PHE A 73 6.01 -1.19 21.76
CA PHE A 73 7.39 -0.67 21.77
C PHE A 73 7.62 0.18 20.53
N THR A 74 8.70 0.96 20.55
CA THR A 74 8.93 2.01 19.57
C THR A 74 10.36 1.99 19.04
N ILE A 75 10.48 2.21 17.74
CA ILE A 75 11.75 2.25 17.03
C ILE A 75 11.78 3.58 16.31
N LYS A 76 12.83 4.37 16.60
CA LYS A 76 12.92 5.75 16.09
C LYS A 76 14.09 5.90 15.14
N LEU A 77 13.85 6.52 13.99
CA LEU A 77 14.90 6.93 13.06
C LEU A 77 14.94 8.46 13.06
N LEU A 78 16.07 9.01 13.50
CA LEU A 78 16.28 10.46 13.60
C LEU A 78 17.25 10.92 12.51
N PHE A 79 16.92 12.02 11.85
CA PHE A 79 17.74 12.53 10.77
C PHE A 79 18.10 14.01 10.97
N ASN A 80 19.27 14.38 10.46
CA ASN A 80 19.73 15.77 10.51
C ASN A 80 19.24 16.53 9.26
N LYS A 81 19.67 17.79 9.12
CA LYS A 81 19.26 18.61 7.98
C LYS A 81 19.60 18.00 6.63
N ASN A 82 20.64 17.17 6.58
CA ASN A 82 21.06 16.55 5.33
C ASN A 82 20.46 15.17 5.08
N GLY A 83 19.57 14.72 5.97
CA GLY A 83 18.93 13.40 5.84
C GLY A 83 19.83 12.26 6.29
N VAL A 84 20.89 12.60 7.03
CA VAL A 84 21.83 11.62 7.56
C VAL A 84 21.30 11.12 8.90
N LEU A 85 21.36 9.81 9.10
CA LEU A 85 20.82 9.18 10.32
C LEU A 85 21.71 9.52 11.49
N LEU A 86 21.09 9.89 12.61
CA LEU A 86 21.80 10.25 13.83
C LEU A 86 22.07 9.02 14.70
N ASP A 87 23.28 9.01 15.28
CA ASP A 87 23.81 7.89 16.08
C ASP A 87 22.87 7.36 17.18
N ASN A 88 22.04 8.25 17.70
CA ASN A 88 21.10 7.98 18.79
C ASN A 88 19.70 7.44 18.36
N SER A 89 19.55 7.09 17.10
CA SER A 89 18.35 6.38 16.61
C SER A 89 18.43 4.93 17.08
N ASN A 90 17.31 4.21 17.09
CA ASN A 90 17.35 2.77 17.46
C ASN A 90 18.05 1.93 16.40
N LEU A 91 17.92 2.36 15.14
CA LEU A 91 18.59 1.72 14.01
C LEU A 91 20.06 2.17 13.97
N GLY A 92 20.96 1.19 13.87
CA GLY A 92 22.39 1.48 13.79
C GLY A 92 22.74 2.17 12.48
N LYS A 93 23.69 3.11 12.52
CA LYS A 93 24.17 3.78 11.29
C LYS A 93 24.95 2.87 10.34
N ALA A 94 25.58 1.83 10.89
CA ALA A 94 26.54 1.00 10.16
C ALA A 94 26.09 0.49 8.80
N TYR A 95 24.85 0.03 8.70
CA TYR A 95 24.37 -0.57 7.44
C TYR A 95 23.12 0.10 6.85
N TRP A 96 22.86 1.35 7.29
CA TRP A 96 21.87 2.21 6.68
C TRP A 96 22.57 3.10 5.66
N ASN A 97 22.32 2.81 4.39
CA ASN A 97 23.00 3.50 3.29
C ASN A 97 22.30 3.21 1.95
N PHE A 98 22.72 3.90 0.89
CA PHE A 98 22.19 3.64 -0.43
C PHE A 98 22.58 2.25 -0.91
N ARG A 99 21.68 1.64 -1.68
CA ARG A 99 21.84 0.26 -2.13
C ARG A 99 22.97 0.12 -3.15
N SER A 100 23.74 -0.96 -3.01
CA SER A 100 24.61 -1.43 -4.07
C SER A 100 24.64 -2.96 -4.02
N GLY A 101 24.01 -3.60 -5.01
CA GLY A 101 23.82 -5.05 -4.97
C GLY A 101 22.92 -5.43 -3.80
N ASN A 102 23.29 -6.50 -3.08
CA ASN A 102 22.57 -6.85 -1.84
C ASN A 102 23.23 -6.26 -0.59
N SER A 103 24.09 -5.27 -0.81
CA SER A 103 24.75 -4.55 0.28
C SER A 103 24.61 -3.04 0.00
N ASN A 104 25.55 -2.25 0.51
CA ASN A 104 25.50 -0.79 0.41
C ASN A 104 26.70 -0.20 -0.33
N VAL A 105 26.55 1.07 -0.72
CA VAL A 105 27.65 1.84 -1.29
C VAL A 105 28.78 1.98 -0.26
N SER A 106 30.02 2.13 -0.75
CA SER A 106 31.20 2.07 0.12
C SER A 106 31.48 3.34 0.91
N THR A 107 30.73 4.41 0.62
CA THR A 107 30.77 5.64 1.42
C THR A 107 29.47 5.84 2.24
N ALA A 108 29.60 6.15 3.54
CA ALA A 108 28.47 6.63 4.35
C ALA A 108 27.90 7.90 3.73
N TYR A 109 26.60 7.92 3.45
CA TYR A 109 26.03 8.98 2.61
C TYR A 109 26.02 10.34 3.32
N GLU A 110 26.11 11.40 2.51
CA GLU A 110 26.14 12.77 3.01
C GLU A 110 24.79 13.47 2.83
N LYS A 111 24.08 13.13 1.77
CA LYS A 111 22.87 13.83 1.39
C LYS A 111 21.72 12.88 1.00
N ALA A 112 20.58 13.06 1.67
CA ALA A 112 19.36 12.32 1.33
C ALA A 112 18.08 13.12 1.70
N ILE A 113 18.08 14.43 1.41
CA ILE A 113 16.96 15.29 1.80
C ILE A 113 15.69 14.89 1.03
N GLY A 114 15.87 14.34 -0.17
CA GLY A 114 14.79 13.89 -1.03
C GLY A 114 14.19 12.54 -0.63
N PHE A 115 14.76 11.93 0.41
CA PHE A 115 14.19 10.73 1.05
C PHE A 115 13.51 11.09 2.38
N MET A 116 13.54 12.38 2.75
CA MET A 116 13.02 12.80 4.04
C MET A 116 11.53 13.13 3.95
N PRO A 117 10.78 12.88 5.03
CA PRO A 117 9.35 13.27 5.08
C PRO A 117 9.14 14.78 4.99
N ASN A 118 8.27 15.16 4.07
CA ASN A 118 7.96 16.57 3.79
C ASN A 118 7.51 17.31 5.03
N LEU A 119 8.19 18.42 5.35
CA LEU A 119 7.92 19.17 6.57
C LEU A 119 6.66 20.02 6.55
N VAL A 120 6.20 20.44 5.36
CA VAL A 120 4.90 21.11 5.29
C VAL A 120 3.77 20.10 5.50
N ALA A 121 3.87 18.96 4.82
CA ALA A 121 2.95 17.84 5.00
C ALA A 121 2.91 17.34 6.44
N TYR A 122 4.11 17.21 7.02
CA TYR A 122 4.32 16.59 8.33
C TYR A 122 5.26 17.51 9.16
N PRO A 123 4.69 18.56 9.77
CA PRO A 123 5.47 19.51 10.56
C PRO A 123 6.02 18.95 11.85
N LYS A 124 7.10 19.56 12.33
CA LYS A 124 7.64 19.21 13.64
C LYS A 124 6.65 19.67 14.70
N PRO A 125 6.71 19.06 15.89
CA PRO A 125 5.82 19.55 16.96
C PRO A 125 5.96 21.07 17.19
N SER A 126 4.84 21.72 17.43
CA SER A 126 4.77 23.16 17.69
C SER A 126 3.49 23.34 18.46
N ASN A 127 3.08 24.57 18.78
CA ASN A 127 1.78 24.70 19.44
C ASN A 127 0.64 24.91 18.44
N SER A 128 0.95 24.83 17.14
CA SER A 128 -0.08 24.74 16.11
C SER A 128 -0.73 23.37 16.18
N LYS A 129 -1.94 23.28 15.65
CA LYS A 129 -2.74 22.08 15.73
C LYS A 129 -2.01 20.89 15.12
N LYS A 130 -2.06 19.77 15.83
CA LYS A 130 -1.39 18.59 15.35
C LYS A 130 -2.44 17.77 14.58
N TYR A 131 -2.22 17.62 13.29
CA TYR A 131 -3.11 16.83 12.43
C TYR A 131 -2.62 15.40 12.27
N ALA A 132 -3.57 14.49 12.00
CA ALA A 132 -3.30 13.07 11.95
C ALA A 132 -2.66 12.61 10.63
N ARG A 133 -2.59 13.48 9.62
CA ARG A 133 -2.04 12.99 8.34
C ARG A 133 -0.58 12.62 8.39
N ASP A 134 0.16 13.07 9.43
CA ASP A 134 1.52 12.59 9.62
C ASP A 134 1.64 11.17 10.18
N ILE A 135 0.51 10.46 10.29
CA ILE A 135 0.48 9.03 10.71
C ILE A 135 -0.02 8.11 9.56
N VAL A 136 0.64 6.96 9.40
CA VAL A 136 0.12 5.82 8.62
C VAL A 136 0.01 4.57 9.48
N TYR A 137 -1.19 3.98 9.53
CA TYR A 137 -1.42 2.73 10.28
C TYR A 137 -1.37 1.53 9.33
N GLY A 138 -0.75 0.44 9.78
CA GLY A 138 -0.80 -0.82 9.11
C GLY A 138 -0.91 -1.96 10.11
N THR A 139 -1.13 -3.17 9.61
CA THR A 139 -1.22 -4.37 10.43
C THR A 139 -0.31 -5.40 9.81
N ILE A 140 0.54 -6.00 10.64
CA ILE A 140 1.39 -7.09 10.19
C ILE A 140 1.10 -8.31 11.09
N TYR A 141 1.65 -9.46 10.72
CA TYR A 141 1.29 -10.71 11.40
C TYR A 141 2.53 -11.41 11.92
N LEU A 142 2.47 -11.76 13.20
CA LEU A 142 3.59 -12.43 13.86
C LEU A 142 3.67 -13.87 13.39
N GLY A 143 4.87 -14.28 12.99
CA GLY A 143 5.11 -15.63 12.51
C GLY A 143 4.40 -15.98 11.22
N GLY A 144 3.86 -14.97 10.53
CA GLY A 144 3.09 -15.22 9.32
C GLY A 144 1.76 -15.90 9.55
N LYS A 145 1.26 -15.85 10.80
CA LYS A 145 0.00 -16.48 11.18
C LYS A 145 -1.10 -15.45 11.08
N PRO A 146 -2.20 -15.76 10.35
CA PRO A 146 -3.31 -14.82 10.11
C PRO A 146 -4.07 -14.41 11.38
N ASP A 147 -3.94 -15.21 12.45
CA ASP A 147 -4.58 -14.91 13.72
C ASP A 147 -3.64 -14.24 14.75
N GLN A 148 -2.48 -13.75 14.28
CA GLN A 148 -1.55 -13.00 15.14
C GLN A 148 -1.20 -11.60 14.63
N PRO A 149 -2.21 -10.71 14.54
CA PRO A 149 -1.96 -9.33 14.13
C PRO A 149 -1.20 -8.52 15.18
N ALA A 150 -0.37 -7.60 14.72
CA ALA A 150 0.13 -6.49 15.52
C ALA A 150 0.03 -5.21 14.65
N VAL A 151 -0.26 -4.09 15.27
CA VAL A 151 -0.38 -2.81 14.55
C VAL A 151 0.99 -2.14 14.45
N ILE A 152 1.36 -1.72 13.23
CA ILE A 152 2.52 -0.86 13.02
C ILE A 152 2.00 0.54 12.70
N LYS A 153 2.29 1.46 13.62
CA LYS A 153 1.98 2.86 13.49
C LYS A 153 3.26 3.59 13.11
N THR A 154 3.23 4.26 11.96
CA THR A 154 4.37 5.04 11.45
C THR A 154 4.02 6.54 11.52
N THR A 155 4.89 7.33 12.16
CA THR A 155 4.65 8.75 12.34
C THR A 155 5.84 9.53 11.77
N PHE A 156 5.56 10.58 11.00
CA PHE A 156 6.61 11.40 10.40
C PHE A 156 6.87 12.72 11.14
N ASN A 157 8.16 12.98 11.38
CA ASN A 157 8.63 14.26 11.91
C ASN A 157 8.00 14.68 13.24
N GLN A 158 7.79 13.75 14.16
CA GLN A 158 7.24 14.13 15.45
C GLN A 158 8.28 14.06 16.59
N GLU A 159 9.48 13.59 16.27
CA GLU A 159 10.58 13.50 17.26
C GLU A 159 11.32 14.84 17.37
N THR A 160 11.96 15.07 18.51
CA THR A 160 12.82 16.25 18.68
C THR A 160 14.31 15.88 18.56
N GLY A 161 15.18 16.90 18.49
CA GLY A 161 16.61 16.69 18.35
C GLY A 161 17.00 16.23 16.97
N CYS A 162 16.20 16.63 15.99
CA CYS A 162 16.34 16.16 14.61
C CYS A 162 15.63 17.14 13.67
N GLU A 163 16.06 17.16 12.41
CA GLU A 163 15.35 17.89 11.36
C GLU A 163 14.17 17.06 10.82
N TYR A 164 14.39 15.76 10.69
CA TYR A 164 13.34 14.82 10.25
C TYR A 164 13.38 13.55 11.09
N SER A 165 12.27 12.82 11.08
CA SER A 165 12.17 11.55 11.80
C SER A 165 11.12 10.63 11.18
N ILE A 166 11.40 9.34 11.26
CA ILE A 166 10.41 8.31 10.99
C ILE A 166 10.38 7.42 12.24
N THR A 167 9.20 7.28 12.84
CA THR A 167 9.02 6.48 14.06
C THR A 167 8.04 5.32 13.85
N PHE A 168 8.45 4.11 14.22
CA PHE A 168 7.60 2.92 14.14
C PHE A 168 7.19 2.48 15.54
N ASN A 169 5.90 2.56 15.85
CA ASN A 169 5.37 1.96 17.06
C ASN A 169 4.67 0.63 16.75
N PHE A 170 5.12 -0.43 17.41
CA PHE A 170 4.49 -1.75 17.30
C PHE A 170 3.62 -1.99 18.54
N SER A 171 2.36 -2.36 18.35
CA SER A 171 1.45 -2.66 19.46
C SER A 171 0.52 -3.80 19.11
N TRP A 172 -0.09 -4.40 20.13
CA TRP A 172 -1.01 -5.53 19.91
C TRP A 172 -2.01 -5.59 21.05
N SER A 173 -3.23 -6.02 20.74
CA SER A 173 -4.31 -6.10 21.71
C SER A 173 -4.66 -7.54 22.04
N LYS A 174 -4.14 -8.51 21.27
CA LYS A 174 -4.38 -9.91 21.61
C LYS A 174 -3.50 -10.29 22.79
N THR A 175 -3.93 -11.32 23.53
CA THR A 175 -3.17 -11.86 24.65
C THR A 175 -2.30 -13.01 24.10
N TYR A 176 -1.07 -12.69 23.72
CA TYR A 176 -0.20 -13.70 23.12
C TYR A 176 0.49 -14.51 24.23
N GLU A 177 0.68 -15.79 23.96
CA GLU A 177 1.35 -16.68 24.89
C GLU A 177 2.56 -17.35 24.25
N ASN A 178 3.74 -16.84 24.58
CA ASN A 178 5.01 -17.34 24.07
C ASN A 178 5.13 -17.25 22.55
N VAL A 179 4.79 -16.06 22.05
CA VAL A 179 4.84 -15.79 20.61
C VAL A 179 6.09 -14.94 20.26
N GLU A 180 6.87 -15.43 19.31
CA GLU A 180 8.09 -14.79 18.84
C GLU A 180 7.76 -13.61 17.94
N PHE A 181 8.32 -12.44 18.26
CA PHE A 181 7.99 -11.22 17.55
C PHE A 181 8.89 -11.10 16.31
N GLU A 182 8.44 -11.74 15.26
CA GLU A 182 9.02 -11.55 13.93
C GLU A 182 7.85 -11.49 12.92
N THR A 183 7.92 -10.54 12.01
CA THR A 183 6.71 -10.06 11.31
C THR A 183 6.68 -10.29 9.80
N THR A 184 5.46 -10.24 9.25
CA THR A 184 5.28 -10.14 7.81
C THR A 184 5.67 -8.70 7.41
N SER A 185 5.62 -8.42 6.11
CA SER A 185 6.02 -7.13 5.59
C SER A 185 4.82 -6.23 5.28
N PHE A 186 5.07 -4.92 5.38
CA PHE A 186 4.08 -3.87 5.11
C PHE A 186 4.69 -2.78 4.22
N THR A 187 3.88 -2.28 3.28
CA THR A 187 4.28 -1.22 2.36
C THR A 187 3.39 -0.01 2.55
N PHE A 188 4.03 1.17 2.59
CA PHE A 188 3.34 2.45 2.65
C PHE A 188 4.12 3.46 1.79
N SER A 189 3.62 4.67 1.74
CA SER A 189 4.36 5.79 1.12
C SER A 189 4.22 7.04 1.95
N TYR A 190 5.05 8.02 1.65
CA TYR A 190 4.93 9.33 2.22
C TYR A 190 5.46 10.38 1.27
N ILE A 191 5.06 11.62 1.52
CA ILE A 191 5.40 12.78 0.66
C ILE A 191 6.83 13.22 1.01
N ALA A 192 7.65 13.32 -0.04
CA ALA A 192 9.08 13.64 0.10
C ALA A 192 9.29 15.14 0.24
N GLN A 193 10.34 15.49 0.97
CA GLN A 193 10.72 16.86 1.21
C GLN A 193 11.13 17.58 -0.09
N GLU A 194 11.83 16.87 -0.97
CA GLU A 194 12.23 17.36 -2.30
C GLU A 194 12.11 16.26 -3.33
N THR B 12 9.68 -1.52 -20.76
CA THR B 12 10.31 -2.60 -19.94
C THR B 12 10.20 -2.35 -18.42
N ARG B 13 9.47 -1.30 -18.03
CA ARG B 13 9.25 -0.98 -16.61
C ARG B 13 8.04 -1.73 -16.02
N THR B 14 7.25 -2.39 -16.86
CA THR B 14 6.01 -3.03 -16.42
C THR B 14 5.81 -4.41 -17.02
N LEU B 15 5.69 -5.38 -16.13
CA LEU B 15 5.38 -6.75 -16.47
C LEU B 15 3.92 -6.97 -16.06
N TRP B 16 3.07 -7.44 -16.98
CA TRP B 16 1.65 -7.56 -16.65
C TRP B 16 0.86 -8.64 -17.38
N THR B 17 -0.37 -8.84 -16.92
CA THR B 17 -1.32 -9.78 -17.49
C THR B 17 -2.23 -9.18 -18.58
N THR B 18 -2.00 -7.91 -18.92
CA THR B 18 -2.98 -6.98 -19.55
C THR B 18 -4.16 -6.70 -18.62
N PRO B 19 -4.83 -5.54 -18.78
CA PRO B 19 -5.99 -5.19 -17.98
C PRO B 19 -7.36 -5.64 -18.50
N ASP B 20 -7.40 -6.48 -19.55
CA ASP B 20 -8.68 -7.01 -20.03
C ASP B 20 -9.25 -8.01 -19.02
N THR B 21 -10.45 -8.55 -19.30
CA THR B 21 -11.03 -9.57 -18.44
C THR B 21 -11.06 -10.98 -19.07
N SER B 22 -10.17 -11.27 -20.02
CA SER B 22 -10.15 -12.60 -20.62
C SER B 22 -9.44 -13.61 -19.70
N PRO B 23 -10.09 -14.74 -19.38
CA PRO B 23 -9.45 -15.71 -18.48
C PRO B 23 -8.05 -16.13 -18.90
N ASN B 24 -7.15 -16.10 -17.93
CA ASN B 24 -5.71 -16.37 -18.13
C ASN B 24 -5.12 -17.32 -17.10
N CYS B 25 -6.00 -17.92 -16.29
CA CYS B 25 -5.57 -18.58 -15.06
C CYS B 25 -6.44 -19.81 -14.79
N THR B 26 -5.81 -20.84 -14.26
CA THR B 26 -6.42 -22.13 -13.99
C THR B 26 -6.31 -22.43 -12.51
N ILE B 27 -7.41 -22.28 -11.76
CA ILE B 27 -7.40 -22.59 -10.33
C ILE B 27 -7.85 -24.04 -10.12
N ALA B 28 -9.08 -24.34 -10.47
CA ALA B 28 -9.64 -25.69 -10.36
C ALA B 28 -9.82 -26.36 -11.74
N GLN B 29 -9.96 -25.55 -12.80
CA GLN B 29 -10.14 -26.07 -14.16
C GLN B 29 -9.62 -25.05 -15.16
N ASP B 30 -9.28 -25.53 -16.36
CA ASP B 30 -8.67 -24.73 -17.41
C ASP B 30 -9.31 -23.33 -17.57
N LYS B 31 -8.47 -22.30 -17.50
CA LYS B 31 -8.88 -20.92 -17.75
C LYS B 31 -10.21 -20.59 -17.04
N ASP B 32 -10.28 -20.92 -15.75
CA ASP B 32 -11.45 -20.59 -14.93
C ASP B 32 -11.43 -19.17 -14.31
N SER B 33 -10.40 -18.38 -14.58
CA SER B 33 -10.26 -17.09 -13.92
C SER B 33 -9.37 -16.10 -14.64
N LYS B 34 -9.59 -14.82 -14.32
CA LYS B 34 -8.72 -13.75 -14.74
C LYS B 34 -7.98 -13.21 -13.51
N LEU B 35 -6.69 -13.50 -13.45
CA LEU B 35 -5.78 -12.82 -12.53
C LEU B 35 -5.27 -11.56 -13.23
N THR B 36 -5.61 -10.40 -12.69
CA THR B 36 -5.03 -9.15 -13.17
C THR B 36 -3.90 -8.79 -12.23
N LEU B 37 -2.68 -8.82 -12.76
CA LEU B 37 -1.49 -8.55 -12.00
C LEU B 37 -0.60 -7.62 -12.79
N VAL B 38 -0.23 -6.51 -12.16
CA VAL B 38 0.64 -5.49 -12.72
C VAL B 38 1.87 -5.30 -11.81
N LEU B 39 3.06 -5.60 -12.34
CA LEU B 39 4.29 -5.39 -11.60
C LEU B 39 4.99 -4.23 -12.24
N THR B 40 5.24 -3.18 -11.48
CA THR B 40 5.94 -2.02 -12.00
C THR B 40 7.24 -1.81 -11.24
N LYS B 41 8.34 -1.72 -12.00
CA LYS B 41 9.66 -1.61 -11.41
C LYS B 41 9.96 -0.17 -11.02
N CYS B 42 10.00 0.07 -9.71
CA CYS B 42 10.38 1.36 -9.15
C CYS B 42 11.73 1.15 -8.47
N GLY B 43 12.73 0.89 -9.31
CA GLY B 43 14.08 0.64 -8.85
C GLY B 43 14.17 -0.71 -8.19
N SER B 44 14.68 -0.72 -6.96
CA SER B 44 14.83 -1.96 -6.21
C SER B 44 13.58 -2.41 -5.45
N GLN B 45 12.46 -1.71 -5.66
CA GLN B 45 11.15 -2.24 -5.22
C GLN B 45 10.26 -2.45 -6.43
N ILE B 46 9.53 -3.55 -6.44
CA ILE B 46 8.47 -3.77 -7.39
C ILE B 46 7.14 -3.33 -6.76
N LEU B 47 6.42 -2.42 -7.40
CA LEU B 47 5.08 -2.00 -6.97
C LEU B 47 4.07 -2.93 -7.65
N ALA B 48 3.27 -3.65 -6.87
CA ALA B 48 2.39 -4.69 -7.41
C ALA B 48 0.94 -4.35 -7.13
N ASN B 49 0.09 -4.59 -8.14
CA ASN B 49 -1.34 -4.35 -8.07
C ASN B 49 -2.06 -5.60 -8.58
N VAL B 50 -2.96 -6.16 -7.77
CA VAL B 50 -3.59 -7.45 -8.08
C VAL B 50 -5.09 -7.44 -7.78
N SER B 51 -5.83 -8.18 -8.58
CA SER B 51 -7.23 -8.52 -8.33
C SER B 51 -7.48 -9.87 -9.03
N LEU B 52 -8.59 -10.50 -8.69
CA LEU B 52 -8.99 -11.78 -9.26
C LEU B 52 -10.48 -11.80 -9.58
N ILE B 53 -10.80 -12.28 -10.78
CA ILE B 53 -12.17 -12.60 -11.17
C ILE B 53 -12.22 -14.10 -11.48
N VAL B 54 -13.08 -14.82 -10.75
CA VAL B 54 -13.35 -16.20 -11.07
C VAL B 54 -14.62 -16.26 -11.92
N VAL B 55 -14.52 -16.96 -13.05
CA VAL B 55 -15.63 -17.00 -14.02
C VAL B 55 -16.38 -18.33 -14.06
N ALA B 56 -15.72 -19.40 -13.63
CA ALA B 56 -16.24 -20.75 -13.78
C ALA B 56 -15.61 -21.70 -12.77
N GLY B 57 -16.22 -22.87 -12.64
CA GLY B 57 -15.70 -23.91 -11.76
C GLY B 57 -16.03 -23.78 -10.28
N LYS B 58 -15.31 -24.62 -9.52
CA LYS B 58 -15.48 -24.83 -8.10
C LYS B 58 -15.43 -23.53 -7.27
N TYR B 59 -14.61 -22.59 -7.69
CA TYR B 59 -14.38 -21.35 -6.94
C TYR B 59 -15.16 -20.15 -7.48
N HIS B 60 -16.06 -20.39 -8.43
CA HIS B 60 -16.84 -19.33 -9.04
C HIS B 60 -17.91 -18.79 -8.07
N ILE B 61 -18.83 -19.65 -7.65
CA ILE B 61 -19.88 -19.27 -6.72
C ILE B 61 -19.60 -20.04 -5.44
N ILE B 62 -19.26 -19.32 -4.37
CA ILE B 62 -18.98 -19.93 -3.07
C ILE B 62 -20.32 -20.15 -2.34
N ASN B 63 -20.58 -21.39 -1.93
CA ASN B 63 -21.67 -21.69 -1.01
C ASN B 63 -21.19 -22.67 0.08
N ASN B 64 -20.92 -22.12 1.25
CA ASN B 64 -20.36 -22.89 2.37
C ASN B 64 -21.43 -23.52 3.25
N LYS B 65 -22.71 -23.28 2.97
CA LYS B 65 -23.77 -24.15 3.52
C LYS B 65 -23.72 -25.50 2.78
N THR B 66 -23.62 -25.42 1.46
CA THR B 66 -23.60 -26.59 0.59
C THR B 66 -22.23 -27.27 0.60
N ASN B 67 -21.17 -26.47 0.66
CA ASN B 67 -19.81 -26.96 0.57
C ASN B 67 -18.95 -26.31 1.67
N PRO B 68 -19.15 -26.76 2.93
CA PRO B 68 -18.48 -26.16 4.09
C PRO B 68 -16.95 -26.22 4.02
N LYS B 69 -16.41 -27.19 3.28
CA LYS B 69 -14.96 -27.36 3.18
C LYS B 69 -14.24 -26.38 2.24
N ILE B 70 -14.98 -25.74 1.33
CA ILE B 70 -14.38 -24.85 0.33
C ILE B 70 -14.07 -23.50 0.96
N LYS B 71 -12.85 -23.32 1.44
CA LYS B 71 -12.50 -22.13 2.22
C LYS B 71 -11.28 -21.35 1.75
N SER B 72 -10.56 -21.88 0.76
CA SER B 72 -9.29 -21.34 0.33
C SER B 72 -8.85 -21.95 -0.98
N PHE B 73 -7.98 -21.24 -1.71
CA PHE B 73 -7.29 -21.76 -2.89
C PHE B 73 -6.01 -21.00 -3.16
N THR B 74 -5.14 -21.55 -4.00
CA THR B 74 -3.85 -20.93 -4.27
C THR B 74 -3.56 -20.74 -5.74
N ILE B 75 -2.99 -19.59 -6.07
CA ILE B 75 -2.51 -19.28 -7.41
C ILE B 75 -0.99 -19.09 -7.39
N LYS B 76 -0.27 -19.94 -8.12
CA LYS B 76 1.19 -19.94 -8.09
C LYS B 76 1.82 -19.41 -9.40
N LEU B 77 2.77 -18.50 -9.24
CA LEU B 77 3.61 -18.03 -10.33
C LEU B 77 5.05 -18.49 -10.01
N LEU B 78 5.56 -19.38 -10.88
CA LEU B 78 6.90 -19.97 -10.74
C LEU B 78 7.80 -19.48 -11.88
N PHE B 79 9.02 -19.08 -11.53
CA PHE B 79 9.95 -18.45 -12.48
C PHE B 79 11.30 -19.15 -12.52
N ASN B 80 11.97 -19.12 -13.67
CA ASN B 80 13.33 -19.67 -13.76
C ASN B 80 14.36 -18.58 -13.49
N LYS B 81 15.65 -18.91 -13.64
CA LYS B 81 16.73 -17.99 -13.31
C LYS B 81 16.73 -16.68 -14.09
N ASN B 82 16.08 -16.68 -15.26
CA ASN B 82 15.96 -15.47 -16.06
C ASN B 82 14.65 -14.72 -15.82
N GLY B 83 13.86 -15.19 -14.85
CA GLY B 83 12.58 -14.55 -14.52
C GLY B 83 11.47 -14.85 -15.50
N VAL B 84 11.58 -15.97 -16.22
CA VAL B 84 10.57 -16.42 -17.17
C VAL B 84 9.59 -17.38 -16.50
N LEU B 85 8.30 -17.17 -16.74
CA LEU B 85 7.24 -17.93 -16.09
C LEU B 85 7.28 -19.38 -16.57
N LEU B 86 7.36 -20.32 -15.63
CA LEU B 86 7.30 -21.74 -15.98
C LEU B 86 5.86 -22.13 -16.23
N ASP B 87 5.63 -23.10 -17.11
CA ASP B 87 4.26 -23.46 -17.49
C ASP B 87 3.51 -24.33 -16.47
N ASN B 88 4.16 -24.71 -15.37
CA ASN B 88 3.44 -25.37 -14.26
C ASN B 88 2.75 -24.35 -13.33
N SER B 89 2.92 -23.07 -13.61
CA SER B 89 2.20 -21.98 -12.93
C SER B 89 0.71 -22.02 -13.24
N ASN B 90 -0.11 -21.49 -12.33
CA ASN B 90 -1.55 -21.39 -12.55
C ASN B 90 -1.89 -20.36 -13.61
N LEU B 91 -1.08 -19.31 -13.66
CA LEU B 91 -1.16 -18.27 -14.69
C LEU B 91 -0.56 -18.75 -16.02
N GLY B 92 -1.29 -18.50 -17.09
CA GLY B 92 -0.83 -18.79 -18.45
C GLY B 92 0.32 -17.92 -18.92
N LYS B 93 1.24 -18.54 -19.66
CA LYS B 93 2.37 -17.84 -20.23
C LYS B 93 1.95 -16.94 -21.39
N ALA B 94 0.82 -17.28 -22.02
CA ALA B 94 0.39 -16.65 -23.27
C ALA B 94 0.34 -15.12 -23.19
N TYR B 95 -0.21 -14.58 -22.10
CA TYR B 95 -0.35 -13.12 -21.99
C TYR B 95 0.34 -12.50 -20.75
N TRP B 96 1.38 -13.17 -20.24
CA TRP B 96 2.24 -12.60 -19.20
C TRP B 96 3.50 -12.06 -19.90
N ASN B 97 3.61 -10.74 -20.00
CA ASN B 97 4.66 -10.10 -20.78
C ASN B 97 4.80 -8.64 -20.42
N PHE B 98 5.85 -8.01 -20.92
CA PHE B 98 6.03 -6.58 -20.79
C PHE B 98 4.92 -5.83 -21.54
N ARG B 99 4.59 -4.66 -21.01
CA ARG B 99 3.48 -3.88 -21.52
C ARG B 99 3.78 -3.16 -22.86
N SER B 100 2.80 -3.18 -23.75
CA SER B 100 2.73 -2.24 -24.88
C SER B 100 1.28 -1.74 -24.98
N GLY B 101 1.06 -0.48 -24.67
CA GLY B 101 -0.30 0.08 -24.62
C GLY B 101 -1.16 -0.66 -23.59
N ASN B 102 -2.37 -1.04 -23.98
CA ASN B 102 -3.23 -1.92 -23.16
C ASN B 102 -3.02 -3.40 -23.48
N SER B 103 -1.89 -3.70 -24.09
CA SER B 103 -1.61 -5.04 -24.56
C SER B 103 -0.17 -5.39 -24.19
N ASN B 104 0.33 -6.47 -24.78
CA ASN B 104 1.71 -6.89 -24.54
C ASN B 104 2.62 -6.58 -25.73
N VAL B 105 3.93 -6.67 -25.48
CA VAL B 105 4.91 -6.66 -26.57
C VAL B 105 4.72 -7.89 -27.45
N SER B 106 5.23 -7.83 -28.67
CA SER B 106 4.91 -8.82 -29.69
C SER B 106 5.50 -10.19 -29.40
N THR B 107 6.73 -10.20 -28.89
CA THR B 107 7.45 -11.44 -28.62
C THR B 107 7.58 -11.69 -27.11
N ALA B 108 7.57 -12.96 -26.73
CA ALA B 108 7.77 -13.38 -25.35
C ALA B 108 9.10 -12.86 -24.83
N TYR B 109 9.10 -12.32 -23.61
CA TYR B 109 10.34 -11.80 -23.03
C TYR B 109 11.25 -12.96 -22.64
N GLU B 110 12.55 -12.70 -22.60
CA GLU B 110 13.52 -13.75 -22.24
C GLU B 110 14.24 -13.47 -20.93
N LYS B 111 14.22 -12.23 -20.46
CA LYS B 111 14.80 -11.88 -19.17
C LYS B 111 13.93 -10.88 -18.41
N ALA B 112 13.67 -11.18 -17.13
CA ALA B 112 12.92 -10.29 -16.25
C ALA B 112 13.38 -10.41 -14.79
N ILE B 113 14.69 -10.52 -14.60
CA ILE B 113 15.29 -10.77 -13.27
C ILE B 113 15.11 -9.58 -12.33
N GLY B 114 15.05 -8.38 -12.90
CA GLY B 114 14.80 -7.18 -12.15
C GLY B 114 13.39 -7.09 -11.56
N PHE B 115 12.50 -7.99 -11.95
CA PHE B 115 11.12 -8.06 -11.41
C PHE B 115 10.96 -9.20 -10.41
N MET B 116 12.03 -9.93 -10.15
CA MET B 116 11.94 -11.12 -9.33
C MET B 116 12.06 -10.75 -7.87
N PRO B 117 11.41 -11.54 -6.97
CA PRO B 117 11.58 -11.26 -5.57
C PRO B 117 13.00 -11.67 -5.08
N ASN B 118 13.61 -10.79 -4.33
CA ASN B 118 14.98 -10.92 -3.86
C ASN B 118 15.20 -12.15 -2.96
N LEU B 119 16.16 -12.98 -3.36
CA LEU B 119 16.42 -14.27 -2.69
C LEU B 119 17.08 -14.14 -1.31
N VAL B 120 17.78 -13.04 -1.06
CA VAL B 120 18.37 -12.80 0.26
C VAL B 120 17.26 -12.31 1.21
N ALA B 121 16.45 -11.36 0.75
CA ALA B 121 15.23 -10.94 1.48
C ALA B 121 14.24 -12.11 1.70
N TYR B 122 14.02 -12.87 0.65
CA TYR B 122 13.01 -13.91 0.62
C TYR B 122 13.65 -15.23 0.15
N PRO B 123 14.38 -15.91 1.04
CA PRO B 123 15.10 -17.15 0.69
C PRO B 123 14.25 -18.38 0.48
N LYS B 124 14.73 -19.31 -0.34
CA LYS B 124 14.09 -20.60 -0.52
C LYS B 124 14.08 -21.37 0.81
N PRO B 125 13.15 -22.34 0.96
CA PRO B 125 13.14 -23.16 2.17
C PRO B 125 14.51 -23.80 2.41
N SER B 126 14.97 -23.78 3.66
CA SER B 126 16.25 -24.37 4.03
C SER B 126 16.23 -24.88 5.47
N ASN B 127 17.41 -25.22 5.99
CA ASN B 127 17.60 -25.48 7.42
C ASN B 127 17.66 -24.20 8.23
N SER B 128 17.97 -23.07 7.60
CA SER B 128 18.01 -21.81 8.32
C SER B 128 16.59 -21.48 8.84
N LYS B 129 16.52 -20.70 9.90
CA LYS B 129 15.22 -20.25 10.45
C LYS B 129 14.41 -19.56 9.37
N LYS B 130 13.15 -19.99 9.21
CA LYS B 130 12.20 -19.39 8.27
C LYS B 130 11.61 -18.14 8.94
N TYR B 131 11.69 -17.00 8.26
CA TYR B 131 11.13 -15.76 8.80
C TYR B 131 9.86 -15.37 8.01
N ALA B 132 8.98 -14.60 8.64
CA ALA B 132 7.69 -14.21 8.05
C ALA B 132 7.78 -13.06 7.04
N ARG B 133 8.93 -12.42 6.89
CA ARG B 133 8.95 -11.22 6.07
C ARG B 133 8.74 -11.49 4.58
N ASP B 134 8.80 -12.77 4.18
CA ASP B 134 8.49 -13.17 2.81
C ASP B 134 6.99 -13.31 2.55
N ILE B 135 6.16 -12.87 3.50
CA ILE B 135 4.70 -12.85 3.35
C ILE B 135 4.19 -11.41 3.39
N VAL B 136 3.20 -11.10 2.56
CA VAL B 136 2.37 -9.90 2.72
C VAL B 136 0.92 -10.34 2.81
N TYR B 137 0.24 -9.86 3.85
CA TYR B 137 -1.20 -10.05 4.01
C TYR B 137 -1.98 -8.82 3.54
N GLY B 138 -3.13 -9.06 2.92
CA GLY B 138 -4.05 -8.01 2.62
C GLY B 138 -5.43 -8.58 2.69
N THR B 139 -6.43 -7.69 2.74
CA THR B 139 -7.85 -8.07 2.67
C THR B 139 -8.47 -7.40 1.44
N ILE B 140 -9.19 -8.18 0.65
CA ILE B 140 -9.99 -7.66 -0.47
C ILE B 140 -11.46 -8.01 -0.20
N TYR B 141 -12.35 -7.51 -1.05
CA TYR B 141 -13.77 -7.58 -0.77
C TYR B 141 -14.47 -8.16 -1.97
N LEU B 142 -15.16 -9.26 -1.74
CA LEU B 142 -15.87 -9.92 -2.83
C LEU B 142 -17.08 -9.09 -3.27
N GLY B 143 -17.18 -8.86 -4.58
CA GLY B 143 -18.27 -8.09 -5.20
C GLY B 143 -18.21 -6.63 -4.83
N GLY B 144 -17.07 -6.16 -4.32
CA GLY B 144 -16.98 -4.82 -3.78
C GLY B 144 -17.78 -4.52 -2.53
N LYS B 145 -18.29 -5.54 -1.85
CA LYS B 145 -19.11 -5.34 -0.63
C LYS B 145 -18.25 -5.36 0.63
N PRO B 146 -18.38 -4.32 1.47
CA PRO B 146 -17.54 -4.19 2.66
C PRO B 146 -17.74 -5.27 3.72
N ASP B 147 -18.85 -6.01 3.65
CA ASP B 147 -19.09 -7.14 4.54
C ASP B 147 -18.78 -8.52 3.92
N GLN B 148 -18.02 -8.52 2.82
CA GLN B 148 -17.58 -9.77 2.20
C GLN B 148 -16.05 -9.82 2.05
N PRO B 149 -15.31 -9.72 3.17
CA PRO B 149 -13.85 -9.81 3.13
C PRO B 149 -13.36 -11.19 2.76
N ALA B 150 -12.24 -11.23 2.05
CA ALA B 150 -11.41 -12.42 1.94
C ALA B 150 -9.97 -11.97 2.04
N VAL B 151 -9.17 -12.84 2.60
CA VAL B 151 -7.77 -12.55 2.88
C VAL B 151 -6.94 -12.99 1.66
N ILE B 152 -6.07 -12.11 1.20
CA ILE B 152 -5.08 -12.46 0.17
C ILE B 152 -3.69 -12.48 0.83
N LYS B 153 -3.09 -13.67 0.84
CA LYS B 153 -1.75 -13.91 1.43
C LYS B 153 -0.79 -14.14 0.29
N THR B 154 0.20 -13.26 0.16
CA THR B 154 1.19 -13.35 -0.92
C THR B 154 2.53 -13.76 -0.30
N THR B 155 3.12 -14.81 -0.85
CA THR B 155 4.38 -15.36 -0.35
C THR B 155 5.42 -15.42 -1.47
N PHE B 156 6.64 -14.99 -1.13
CA PHE B 156 7.75 -14.95 -2.07
C PHE B 156 8.76 -16.10 -1.87
N ASN B 157 9.08 -16.75 -2.99
CA ASN B 157 10.18 -17.73 -3.11
C ASN B 157 10.08 -18.96 -2.21
N GLN B 158 8.89 -19.41 -1.85
CA GLN B 158 8.75 -20.60 -0.99
C GLN B 158 8.36 -21.88 -1.72
N GLU B 159 8.08 -21.77 -3.02
CA GLU B 159 7.78 -22.93 -3.83
C GLU B 159 9.09 -23.59 -4.25
N THR B 160 9.03 -24.85 -4.61
CA THR B 160 10.21 -25.59 -5.06
C THR B 160 10.08 -25.85 -6.55
N GLY B 161 11.17 -26.31 -7.17
CA GLY B 161 11.20 -26.49 -8.62
C GLY B 161 11.17 -25.17 -9.38
N CYS B 162 11.92 -24.19 -8.88
CA CYS B 162 11.96 -22.86 -9.47
C CYS B 162 13.09 -22.04 -8.88
N GLU B 163 13.53 -21.01 -9.59
CA GLU B 163 14.48 -20.07 -9.02
C GLU B 163 13.76 -19.04 -8.11
N TYR B 164 12.59 -18.59 -8.57
CA TYR B 164 11.74 -17.63 -7.85
C TYR B 164 10.26 -18.06 -7.91
N SER B 165 9.46 -17.58 -6.96
CA SER B 165 8.02 -17.78 -6.97
C SER B 165 7.29 -16.60 -6.33
N ILE B 166 6.06 -16.37 -6.80
CA ILE B 166 5.09 -15.49 -6.15
C ILE B 166 3.81 -16.29 -6.05
N THR B 167 3.31 -16.50 -4.83
CA THR B 167 2.07 -17.25 -4.68
C THR B 167 1.04 -16.41 -3.95
N PHE B 168 -0.20 -16.51 -4.42
CA PHE B 168 -1.33 -15.79 -3.88
C PHE B 168 -2.27 -16.83 -3.30
N ASN B 169 -2.43 -16.82 -1.98
CA ASN B 169 -3.44 -17.68 -1.35
C ASN B 169 -4.66 -16.86 -0.96
N PHE B 170 -5.82 -17.31 -1.40
CA PHE B 170 -7.08 -16.64 -1.06
C PHE B 170 -7.85 -17.51 -0.11
N SER B 171 -8.33 -16.94 0.99
CA SER B 171 -9.11 -17.66 1.96
C SER B 171 -10.13 -16.76 2.65
N TRP B 172 -11.10 -17.39 3.31
CA TRP B 172 -12.16 -16.66 3.97
C TRP B 172 -12.71 -17.46 5.13
N SER B 173 -13.21 -16.76 6.13
CA SER B 173 -13.63 -17.37 7.39
C SER B 173 -15.15 -17.33 7.54
N LYS B 174 -15.81 -16.47 6.76
CA LYS B 174 -17.26 -16.34 6.82
C LYS B 174 -17.94 -17.48 6.07
N THR B 175 -19.19 -17.76 6.44
CA THR B 175 -19.97 -18.78 5.75
C THR B 175 -20.77 -18.12 4.66
N TYR B 176 -20.18 -18.01 3.48
CA TYR B 176 -20.83 -17.32 2.38
C TYR B 176 -21.85 -18.22 1.70
N GLU B 177 -23.01 -17.66 1.39
CA GLU B 177 -24.05 -18.37 0.64
C GLU B 177 -24.29 -17.72 -0.73
N ASN B 178 -23.79 -18.36 -1.78
CA ASN B 178 -23.92 -17.90 -3.18
C ASN B 178 -23.22 -16.56 -3.45
N VAL B 179 -21.98 -16.47 -3.04
CA VAL B 179 -21.21 -15.23 -3.24
C VAL B 179 -20.16 -15.48 -4.33
N GLU B 180 -20.19 -14.67 -5.38
CA GLU B 180 -19.29 -14.87 -6.50
C GLU B 180 -17.87 -14.39 -6.14
N PHE B 181 -16.87 -15.21 -6.43
CA PHE B 181 -15.49 -14.82 -6.15
C PHE B 181 -14.90 -13.90 -7.24
N GLU B 182 -15.13 -12.61 -7.04
CA GLU B 182 -14.49 -11.57 -7.85
C GLU B 182 -14.22 -10.39 -6.90
N THR B 183 -13.02 -9.82 -7.00
CA THR B 183 -12.47 -9.03 -5.89
C THR B 183 -12.22 -7.59 -6.24
N THR B 184 -12.18 -6.78 -5.18
CA THR B 184 -11.54 -5.49 -5.26
C THR B 184 -10.01 -5.63 -5.46
N SER B 185 -9.33 -4.50 -5.67
CA SER B 185 -7.90 -4.51 -5.97
C SER B 185 -7.05 -4.24 -4.74
N PHE B 186 -5.85 -4.80 -4.72
CA PHE B 186 -4.90 -4.62 -3.64
C PHE B 186 -3.52 -4.27 -4.21
N THR B 187 -2.84 -3.34 -3.54
CA THR B 187 -1.48 -2.92 -3.84
C THR B 187 -0.53 -3.30 -2.72
N PHE B 188 0.63 -3.79 -3.12
CA PHE B 188 1.71 -4.10 -2.23
C PHE B 188 3.04 -3.83 -2.92
N SER B 189 4.13 -4.06 -2.21
CA SER B 189 5.46 -4.01 -2.86
C SER B 189 6.36 -5.11 -2.34
N TYR B 190 7.43 -5.36 -3.07
CA TYR B 190 8.47 -6.25 -2.59
C TYR B 190 9.85 -5.85 -3.11
N ILE B 191 10.88 -6.35 -2.44
CA ILE B 191 12.29 -6.07 -2.77
C ILE B 191 12.68 -6.87 -4.03
N ALA B 192 13.21 -6.19 -5.03
CA ALA B 192 13.61 -6.87 -6.26
C ALA B 192 15.01 -7.48 -6.13
N GLN B 193 15.21 -8.58 -6.85
CA GLN B 193 16.46 -9.32 -6.91
C GLN B 193 17.63 -8.43 -7.38
N GLU B 194 17.38 -7.59 -8.39
CA GLU B 194 18.38 -6.64 -8.85
C GLU B 194 17.73 -5.36 -9.37
N THR C 12 7.16 15.88 -15.85
CA THR C 12 6.22 16.28 -14.76
C THR C 12 5.53 15.05 -14.21
N ARG C 13 6.00 14.57 -13.06
CA ARG C 13 5.67 13.25 -12.55
C ARG C 13 4.72 13.21 -11.34
N THR C 14 4.39 14.35 -10.76
CA THR C 14 3.44 14.38 -9.65
C THR C 14 2.35 15.46 -9.80
N LEU C 15 1.09 15.03 -9.78
CA LEU C 15 -0.07 15.93 -9.67
C LEU C 15 -0.44 15.94 -8.20
N TRP C 16 -0.71 17.12 -7.65
CA TRP C 16 -1.07 17.21 -6.24
C TRP C 16 -1.87 18.45 -5.84
N THR C 17 -2.31 18.46 -4.57
CA THR C 17 -3.06 19.54 -3.94
C THR C 17 -2.25 20.59 -3.13
N THR C 18 -0.92 20.50 -3.11
CA THR C 18 -0.07 21.20 -2.13
C THR C 18 -0.41 20.71 -0.72
N PRO C 19 0.62 20.28 0.02
CA PRO C 19 0.44 19.69 1.34
C PRO C 19 0.21 20.64 2.52
N ASP C 20 -0.30 21.86 2.27
CA ASP C 20 -0.63 22.81 3.34
C ASP C 20 -1.99 22.47 3.96
N THR C 21 -2.52 23.35 4.80
CA THR C 21 -3.79 23.12 5.46
C THR C 21 -4.92 24.03 4.93
N SER C 22 -4.68 24.77 3.84
CA SER C 22 -5.67 25.71 3.32
C SER C 22 -6.85 24.97 2.67
N PRO C 23 -8.11 25.21 3.13
CA PRO C 23 -9.24 24.53 2.49
C PRO C 23 -9.24 24.61 0.95
N ASN C 24 -9.55 23.49 0.31
CA ASN C 24 -9.55 23.36 -1.13
C ASN C 24 -10.72 22.54 -1.69
N CYS C 25 -11.65 22.16 -0.83
CA CYS C 25 -12.63 21.13 -1.15
C CYS C 25 -13.98 21.49 -0.49
N THR C 26 -15.07 21.10 -1.14
CA THR C 26 -16.44 21.46 -0.74
C THR C 26 -17.22 20.18 -0.68
N ILE C 27 -17.53 19.72 0.54
CA ILE C 27 -18.31 18.50 0.74
C ILE C 27 -19.78 18.88 0.92
N ALA C 28 -20.06 19.61 2.00
CA ALA C 28 -21.41 20.09 2.35
C ALA C 28 -21.58 21.60 2.15
N GLN C 29 -20.50 22.35 2.32
CA GLN C 29 -20.52 23.79 2.14
C GLN C 29 -19.17 24.22 1.61
N ASP C 30 -19.13 25.41 1.00
CA ASP C 30 -17.95 25.90 0.31
C ASP C 30 -16.70 25.86 1.18
N LYS C 31 -15.68 25.21 0.64
CA LYS C 31 -14.38 25.16 1.27
C LYS C 31 -14.46 24.64 2.71
N ASP C 32 -15.24 23.60 2.91
CA ASP C 32 -15.35 23.00 4.24
C ASP C 32 -14.22 22.00 4.57
N SER C 33 -13.32 21.75 3.62
CA SER C 33 -12.32 20.69 3.79
C SER C 33 -11.01 20.92 3.04
N LYS C 34 -9.95 20.28 3.51
CA LYS C 34 -8.71 20.18 2.80
C LYS C 34 -8.49 18.72 2.47
N LEU C 35 -8.63 18.39 1.20
CA LEU C 35 -8.17 17.10 0.68
C LEU C 35 -6.69 17.19 0.34
N THR C 36 -5.87 16.32 0.94
CA THR C 36 -4.48 16.20 0.50
C THR C 36 -4.33 14.93 -0.34
N LEU C 37 -4.08 15.12 -1.64
CA LEU C 37 -3.97 14.02 -2.59
C LEU C 37 -2.70 14.25 -3.41
N VAL C 38 -1.87 13.22 -3.48
CA VAL C 38 -0.64 13.21 -4.24
C VAL C 38 -0.66 11.99 -5.15
N LEU C 39 -0.58 12.28 -6.45
CA LEU C 39 -0.58 11.26 -7.49
C LEU C 39 0.80 11.31 -8.15
N THR C 40 1.54 10.22 -8.04
CA THR C 40 2.87 10.12 -8.59
C THR C 40 2.92 9.05 -9.66
N LYS C 41 3.32 9.43 -10.87
CA LYS C 41 3.38 8.45 -11.98
C LYS C 41 4.64 7.61 -11.89
N CYS C 42 4.44 6.30 -11.72
CA CYS C 42 5.50 5.30 -11.77
C CYS C 42 5.19 4.40 -12.96
N GLY C 43 5.32 4.98 -14.15
CA GLY C 43 5.04 4.28 -15.39
C GLY C 43 3.58 3.90 -15.51
N SER C 44 3.32 2.60 -15.61
CA SER C 44 1.98 2.08 -15.81
C SER C 44 1.10 2.07 -14.54
N GLN C 45 1.67 2.42 -13.39
CA GLN C 45 0.88 2.60 -12.17
C GLN C 45 1.05 3.99 -11.60
N ILE C 46 -0.04 4.55 -11.10
CA ILE C 46 -0.01 5.77 -10.34
C ILE C 46 0.02 5.38 -8.87
N LEU C 47 1.02 5.88 -8.16
CA LEU C 47 1.11 5.74 -6.70
C LEU C 47 0.39 6.91 -6.06
N ALA C 48 -0.62 6.60 -5.22
CA ALA C 48 -1.54 7.59 -4.67
C ALA C 48 -1.47 7.63 -3.14
N ASN C 49 -1.50 8.84 -2.58
CA ASN C 49 -1.43 9.06 -1.14
C ASN C 49 -2.49 10.09 -0.81
N VAL C 50 -3.38 9.77 0.14
CA VAL C 50 -4.50 10.63 0.46
C VAL C 50 -4.75 10.76 1.97
N SER C 51 -5.18 11.96 2.36
CA SER C 51 -5.77 12.25 3.68
C SER C 51 -6.79 13.40 3.55
N LEU C 52 -7.55 13.58 4.61
CA LEU C 52 -8.64 14.56 4.64
C LEU C 52 -8.73 15.26 5.99
N ILE C 53 -8.87 16.59 5.94
CA ILE C 53 -9.19 17.41 7.12
C ILE C 53 -10.47 18.12 6.80
N VAL C 54 -11.50 17.91 7.60
CA VAL C 54 -12.74 18.67 7.47
C VAL C 54 -12.65 19.80 8.50
N VAL C 55 -12.72 21.05 8.02
CA VAL C 55 -12.48 22.26 8.84
C VAL C 55 -13.71 22.99 9.37
N ALA C 56 -14.87 22.71 8.76
CA ALA C 56 -16.12 23.38 9.07
C ALA C 56 -17.30 22.58 8.52
N GLY C 57 -18.49 23.00 8.91
CA GLY C 57 -19.73 22.45 8.40
C GLY C 57 -20.16 21.14 9.02
N LYS C 58 -21.13 20.53 8.35
CA LYS C 58 -21.81 19.30 8.74
C LYS C 58 -20.90 18.12 9.14
N TYR C 59 -19.76 17.99 8.48
CA TYR C 59 -18.87 16.84 8.71
C TYR C 59 -17.64 17.19 9.51
N HIS C 60 -17.59 18.40 10.07
CA HIS C 60 -16.41 18.80 10.82
C HIS C 60 -16.31 18.05 12.16
N ILE C 61 -17.39 18.08 12.95
CA ILE C 61 -17.48 17.31 14.19
C ILE C 61 -18.64 16.32 14.06
N ILE C 62 -18.31 15.03 14.11
CA ILE C 62 -19.32 13.97 14.05
C ILE C 62 -19.92 13.76 15.43
N ASN C 63 -21.24 13.87 15.52
CA ASN C 63 -21.96 13.39 16.70
C ASN C 63 -23.18 12.56 16.31
N ASN C 64 -23.04 11.24 16.41
CA ASN C 64 -24.07 10.30 15.96
C ASN C 64 -25.14 10.03 17.02
N LYS C 65 -24.97 10.61 18.21
CA LYS C 65 -26.07 10.69 19.17
C LYS C 65 -27.04 11.76 18.68
N THR C 66 -26.50 12.93 18.38
CA THR C 66 -27.30 14.05 17.86
C THR C 66 -27.87 13.71 16.48
N ASN C 67 -27.02 13.17 15.60
CA ASN C 67 -27.37 12.92 14.20
C ASN C 67 -27.07 11.45 13.82
N PRO C 68 -27.97 10.51 14.18
CA PRO C 68 -27.72 9.08 13.98
C PRO C 68 -27.41 8.60 12.55
N LYS C 69 -27.93 9.30 11.55
CA LYS C 69 -27.80 8.89 10.14
C LYS C 69 -26.64 9.54 9.39
N ILE C 70 -25.88 10.42 10.04
CA ILE C 70 -24.73 11.04 9.38
C ILE C 70 -23.54 10.06 9.46
N LYS C 71 -23.42 9.18 8.46
CA LYS C 71 -22.45 8.08 8.55
C LYS C 71 -21.53 7.96 7.33
N SER C 72 -21.66 8.85 6.36
CA SER C 72 -20.81 8.78 5.17
C SER C 72 -20.92 10.07 4.34
N PHE C 73 -19.92 10.27 3.49
CA PHE C 73 -19.94 11.31 2.48
C PHE C 73 -18.98 10.97 1.37
N THR C 74 -19.07 11.71 0.26
CA THR C 74 -18.27 11.43 -0.92
C THR C 74 -17.61 12.69 -1.47
N ILE C 75 -16.38 12.50 -1.91
CA ILE C 75 -15.60 13.51 -2.59
C ILE C 75 -15.27 12.94 -3.97
N LYS C 76 -15.66 13.68 -5.01
CA LYS C 76 -15.53 13.25 -6.39
C LYS C 76 -14.56 14.15 -7.15
N LEU C 77 -13.60 13.50 -7.83
CA LEU C 77 -12.75 14.16 -8.82
C LEU C 77 -13.17 13.66 -10.20
N LEU C 78 -13.60 14.59 -11.03
CA LEU C 78 -14.10 14.30 -12.36
C LEU C 78 -13.14 14.93 -13.37
N PHE C 79 -12.78 14.19 -14.40
CA PHE C 79 -11.80 14.62 -15.39
C PHE C 79 -12.29 14.45 -16.84
N ASN C 80 -11.87 15.37 -17.71
CA ASN C 80 -12.21 15.27 -19.13
C ASN C 80 -11.20 14.39 -19.87
N LYS C 81 -11.33 14.32 -21.20
CA LYS C 81 -10.47 13.50 -22.05
C LYS C 81 -8.98 13.84 -21.97
N ASN C 82 -8.66 15.08 -21.60
CA ASN C 82 -7.28 15.50 -21.38
C ASN C 82 -6.80 15.38 -19.93
N GLY C 83 -7.61 14.77 -19.07
CA GLY C 83 -7.24 14.57 -17.66
C GLY C 83 -7.25 15.84 -16.82
N VAL C 84 -8.01 16.84 -17.30
CA VAL C 84 -8.21 18.11 -16.62
C VAL C 84 -9.43 18.01 -15.70
N LEU C 85 -9.30 18.58 -14.51
CA LEU C 85 -10.31 18.48 -13.48
C LEU C 85 -11.51 19.34 -13.88
N LEU C 86 -12.70 18.76 -13.76
CA LEU C 86 -13.94 19.45 -14.09
C LEU C 86 -14.53 20.15 -12.88
N ASP C 87 -15.25 21.24 -13.10
CA ASP C 87 -15.68 22.09 -11.98
C ASP C 87 -16.78 21.53 -11.09
N ASN C 88 -17.47 20.49 -11.53
CA ASN C 88 -18.42 19.79 -10.65
C ASN C 88 -17.74 18.87 -9.63
N SER C 89 -16.44 18.70 -9.75
CA SER C 89 -15.64 18.04 -8.71
C SER C 89 -15.74 18.76 -7.36
N ASN C 90 -15.67 17.99 -6.25
CA ASN C 90 -15.67 18.57 -4.90
C ASN C 90 -14.40 19.38 -4.62
N LEU C 91 -13.28 18.90 -5.18
CA LEU C 91 -12.00 19.58 -5.11
C LEU C 91 -11.99 20.78 -6.09
N GLY C 92 -11.56 21.93 -5.59
CA GLY C 92 -11.37 23.13 -6.41
C GLY C 92 -10.25 23.09 -7.45
N LYS C 93 -10.54 23.65 -8.62
CA LYS C 93 -9.61 23.62 -9.76
C LYS C 93 -8.29 24.37 -9.51
N ALA C 94 -8.39 25.46 -8.75
CA ALA C 94 -7.22 26.32 -8.44
C ALA C 94 -6.12 25.59 -7.68
N TYR C 95 -6.50 24.50 -7.02
CA TYR C 95 -5.66 23.79 -6.06
C TYR C 95 -5.01 22.50 -6.59
N TRP C 96 -5.30 22.16 -7.84
CA TRP C 96 -4.89 20.91 -8.43
C TRP C 96 -3.99 21.16 -9.65
N ASN C 97 -2.75 20.74 -9.55
CA ASN C 97 -1.77 21.00 -10.61
C ASN C 97 -0.54 20.14 -10.38
N PHE C 98 0.36 20.09 -11.36
CA PHE C 98 1.68 19.50 -11.17
C PHE C 98 2.51 20.24 -10.10
N ARG C 99 3.34 19.49 -9.38
CA ARG C 99 4.18 20.03 -8.31
C ARG C 99 5.25 20.98 -8.85
N SER C 100 5.47 22.09 -8.15
CA SER C 100 6.67 22.93 -8.32
C SER C 100 7.16 23.35 -6.94
N GLY C 101 8.17 22.64 -6.43
CA GLY C 101 8.67 22.85 -5.09
C GLY C 101 7.67 22.33 -4.08
N ASN C 102 7.30 23.17 -3.12
CA ASN C 102 6.22 22.84 -2.19
C ASN C 102 4.90 23.50 -2.60
N SER C 103 4.85 23.94 -3.86
CA SER C 103 3.66 24.55 -4.43
C SER C 103 3.32 23.93 -5.79
N ASN C 104 2.41 24.59 -6.51
CA ASN C 104 1.96 24.16 -7.82
C ASN C 104 2.55 25.11 -8.85
N VAL C 105 2.67 24.67 -10.10
CA VAL C 105 3.12 25.58 -11.17
C VAL C 105 2.04 26.67 -11.29
N SER C 106 2.42 27.85 -11.76
CA SER C 106 1.51 29.01 -11.67
C SER C 106 0.42 28.98 -12.74
N THR C 107 0.62 28.13 -13.75
CA THR C 107 -0.30 27.99 -14.86
C THR C 107 -0.98 26.61 -14.87
N ALA C 108 -2.30 26.63 -15.02
CA ALA C 108 -3.12 25.40 -15.10
C ALA C 108 -2.61 24.45 -16.18
N TYR C 109 -2.49 23.16 -15.87
CA TYR C 109 -1.98 22.19 -16.83
C TYR C 109 -3.04 21.93 -17.90
N GLU C 110 -2.60 21.45 -19.04
CA GLU C 110 -3.50 21.17 -20.16
C GLU C 110 -3.69 19.68 -20.45
N LYS C 111 -2.72 18.86 -20.08
CA LYS C 111 -2.78 17.42 -20.30
C LYS C 111 -2.24 16.63 -19.11
N ALA C 112 -3.02 15.65 -18.66
CA ALA C 112 -2.56 14.69 -17.64
C ALA C 112 -3.17 13.30 -17.88
N ILE C 113 -3.21 12.87 -19.14
CA ILE C 113 -3.82 11.57 -19.47
C ILE C 113 -3.07 10.39 -18.83
N GLY C 114 -1.76 10.53 -18.66
CA GLY C 114 -0.91 9.52 -18.05
C GLY C 114 -1.23 9.26 -16.57
N PHE C 115 -2.01 10.14 -15.96
CA PHE C 115 -2.42 10.04 -14.54
C PHE C 115 -3.86 9.55 -14.36
N MET C 116 -4.54 9.28 -15.47
CA MET C 116 -5.96 8.89 -15.40
C MET C 116 -6.09 7.39 -15.20
N PRO C 117 -7.15 6.97 -14.48
CA PRO C 117 -7.38 5.54 -14.31
C PRO C 117 -7.75 4.87 -15.65
N ASN C 118 -7.06 3.77 -15.95
CA ASN C 118 -7.17 3.01 -17.21
C ASN C 118 -8.61 2.52 -17.44
N LEU C 119 -9.17 2.89 -18.58
CA LEU C 119 -10.57 2.62 -18.91
C LEU C 119 -10.85 1.15 -19.26
N VAL C 120 -9.84 0.41 -19.67
CA VAL C 120 -9.99 -1.03 -19.87
C VAL C 120 -9.98 -1.74 -18.53
N ALA C 121 -9.07 -1.37 -17.63
CA ALA C 121 -9.08 -1.95 -16.27
C ALA C 121 -10.37 -1.57 -15.53
N TYR C 122 -10.80 -0.33 -15.73
CA TYR C 122 -11.86 0.29 -14.96
C TYR C 122 -12.86 0.98 -15.91
N PRO C 123 -13.70 0.19 -16.58
CA PRO C 123 -14.65 0.78 -17.53
C PRO C 123 -15.76 1.61 -16.92
N LYS C 124 -16.27 2.55 -17.71
CA LYS C 124 -17.49 3.27 -17.34
C LYS C 124 -18.69 2.32 -17.21
N PRO C 125 -19.71 2.71 -16.42
CA PRO C 125 -20.95 1.90 -16.31
C PRO C 125 -21.57 1.64 -17.68
N SER C 126 -22.08 0.43 -17.86
CA SER C 126 -22.74 0.03 -19.11
C SER C 126 -23.74 -1.08 -18.76
N ASN C 127 -24.22 -1.80 -19.76
CA ASN C 127 -25.05 -2.97 -19.53
C ASN C 127 -24.23 -4.24 -19.30
N SER C 128 -22.92 -4.19 -19.56
CA SER C 128 -22.03 -5.31 -19.25
C SER C 128 -21.84 -5.53 -17.74
N LYS C 129 -21.37 -6.74 -17.41
CA LYS C 129 -21.18 -7.13 -16.02
C LYS C 129 -20.15 -6.20 -15.38
N LYS C 130 -20.48 -5.67 -14.22
CA LYS C 130 -19.61 -4.76 -13.48
C LYS C 130 -18.73 -5.56 -12.52
N TYR C 131 -17.42 -5.37 -12.61
CA TYR C 131 -16.50 -6.07 -11.73
C TYR C 131 -16.01 -5.16 -10.62
N ALA C 132 -15.58 -5.78 -9.52
CA ALA C 132 -15.18 -5.05 -8.33
C ALA C 132 -13.75 -4.52 -8.38
N ARG C 133 -12.98 -4.84 -9.43
CA ARG C 133 -11.56 -4.46 -9.41
C ARG C 133 -11.33 -2.94 -9.58
N ASP C 134 -12.38 -2.20 -9.97
CA ASP C 134 -12.34 -0.72 -9.99
C ASP C 134 -12.52 -0.07 -8.62
N ILE C 135 -12.57 -0.89 -7.57
CA ILE C 135 -12.58 -0.42 -6.16
C ILE C 135 -11.30 -0.79 -5.40
N VAL C 136 -10.81 0.15 -4.59
CA VAL C 136 -9.80 -0.13 -3.54
C VAL C 136 -10.39 0.27 -2.19
N TYR C 137 -10.40 -0.65 -1.23
CA TYR C 137 -10.81 -0.35 0.16
C TYR C 137 -9.59 -0.08 1.04
N GLY C 138 -9.74 0.92 1.90
CA GLY C 138 -8.77 1.15 2.97
C GLY C 138 -9.48 1.65 4.21
N THR C 139 -8.74 1.67 5.33
CA THR C 139 -9.21 2.25 6.59
C THR C 139 -8.21 3.30 7.05
N ILE C 140 -8.75 4.47 7.40
CA ILE C 140 -7.99 5.54 8.06
C ILE C 140 -8.58 5.79 9.46
N TYR C 141 -7.91 6.63 10.23
CA TYR C 141 -8.22 6.75 11.66
C TYR C 141 -8.43 8.21 12.04
N LEU C 142 -9.58 8.51 12.59
CA LEU C 142 -9.92 9.89 12.89
C LEU C 142 -9.08 10.37 14.07
N GLY C 143 -8.44 11.51 13.87
CA GLY C 143 -7.56 12.09 14.91
C GLY C 143 -6.40 11.19 15.28
N GLY C 144 -6.02 10.27 14.40
CA GLY C 144 -4.92 9.36 14.65
C GLY C 144 -5.18 8.36 15.77
N LYS C 145 -6.42 8.18 16.19
CA LYS C 145 -6.73 7.25 17.30
C LYS C 145 -7.07 5.88 16.72
N PRO C 146 -6.41 4.81 17.21
CA PRO C 146 -6.61 3.48 16.64
C PRO C 146 -8.03 2.92 16.83
N ASP C 147 -8.80 3.50 17.77
CA ASP C 147 -10.18 3.08 17.97
C ASP C 147 -11.19 3.99 17.25
N GLN C 148 -10.73 4.81 16.31
CA GLN C 148 -11.64 5.63 15.51
C GLN C 148 -11.49 5.41 14.00
N PRO C 149 -11.74 4.18 13.53
CA PRO C 149 -11.61 3.87 12.11
C PRO C 149 -12.76 4.47 11.29
N ALA C 150 -12.44 4.82 10.05
CA ALA C 150 -13.42 5.15 9.06
C ALA C 150 -12.90 4.53 7.75
N VAL C 151 -13.82 3.95 7.01
CA VAL C 151 -13.48 3.29 5.76
C VAL C 151 -13.40 4.33 4.66
N ILE C 152 -12.33 4.24 3.86
CA ILE C 152 -12.15 5.04 2.66
C ILE C 152 -12.26 4.07 1.47
N LYS C 153 -13.35 4.22 0.73
CA LYS C 153 -13.61 3.44 -0.50
C LYS C 153 -13.29 4.33 -1.71
N THR C 154 -12.36 3.87 -2.54
CA THR C 154 -11.92 4.60 -3.74
C THR C 154 -12.40 3.84 -4.97
N THR C 155 -13.16 4.52 -5.82
CA THR C 155 -13.71 3.92 -7.04
C THR C 155 -13.26 4.69 -8.29
N PHE C 156 -12.87 3.94 -9.31
CA PHE C 156 -12.37 4.51 -10.57
C PHE C 156 -13.40 4.45 -11.69
N ASN C 157 -13.56 5.61 -12.36
CA ASN C 157 -14.35 5.73 -13.60
C ASN C 157 -15.82 5.33 -13.49
N GLN C 158 -16.43 5.48 -12.32
CA GLN C 158 -17.83 5.13 -12.17
C GLN C 158 -18.82 6.31 -12.22
N GLU C 159 -18.31 7.54 -12.31
CA GLU C 159 -19.18 8.71 -12.36
C GLU C 159 -19.59 9.03 -13.78
N THR C 160 -20.72 9.71 -13.94
CA THR C 160 -21.13 10.24 -15.25
C THR C 160 -20.66 11.68 -15.40
N GLY C 161 -20.84 12.26 -16.59
CA GLY C 161 -20.43 13.64 -16.86
C GLY C 161 -18.92 13.87 -16.91
N CYS C 162 -18.19 12.83 -17.33
CA CYS C 162 -16.72 12.86 -17.35
C CYS C 162 -16.18 11.71 -18.19
N GLU C 163 -14.90 11.81 -18.58
CA GLU C 163 -14.22 10.70 -19.23
C GLU C 163 -13.56 9.78 -18.21
N TYR C 164 -13.06 10.37 -17.12
CA TYR C 164 -12.45 9.64 -16.01
C TYR C 164 -12.94 10.19 -14.67
N SER C 165 -12.85 9.38 -13.62
CA SER C 165 -13.19 9.85 -12.30
C SER C 165 -12.45 9.06 -11.24
N ILE C 166 -12.20 9.74 -10.10
CA ILE C 166 -11.70 9.09 -8.88
C ILE C 166 -12.64 9.59 -7.80
N THR C 167 -13.31 8.67 -7.13
CA THR C 167 -14.18 9.09 -6.02
C THR C 167 -13.75 8.42 -4.73
N PHE C 168 -13.79 9.22 -3.66
CA PHE C 168 -13.47 8.77 -2.31
C PHE C 168 -14.74 8.83 -1.49
N ASN C 169 -15.25 7.68 -1.07
CA ASN C 169 -16.37 7.59 -0.14
C ASN C 169 -15.84 7.28 1.25
N PHE C 170 -16.16 8.17 2.18
CA PHE C 170 -15.80 7.99 3.57
C PHE C 170 -17.02 7.54 4.37
N SER C 171 -16.87 6.47 5.15
CA SER C 171 -17.97 5.97 5.96
C SER C 171 -17.51 5.34 7.25
N TRP C 172 -18.43 5.20 8.19
CA TRP C 172 -18.10 4.65 9.50
C TRP C 172 -19.30 3.97 10.10
N SER C 173 -19.02 2.91 10.85
CA SER C 173 -20.06 2.09 11.47
C SER C 173 -20.22 2.38 12.96
N LYS C 174 -19.17 2.95 13.57
CA LYS C 174 -19.23 3.28 15.00
C LYS C 174 -20.07 4.53 15.26
N THR C 175 -20.59 4.62 16.47
CA THR C 175 -21.34 5.77 16.89
C THR C 175 -20.35 6.74 17.49
N TYR C 176 -19.88 7.69 16.68
CA TYR C 176 -18.96 8.69 17.18
C TYR C 176 -19.68 9.84 17.86
N GLU C 177 -19.10 10.32 18.95
CA GLU C 177 -19.66 11.43 19.71
C GLU C 177 -18.61 12.52 19.89
N ASN C 178 -18.79 13.59 19.12
CA ASN C 178 -17.88 14.75 19.06
C ASN C 178 -16.45 14.40 18.62
N VAL C 179 -16.38 13.72 17.48
CA VAL C 179 -15.12 13.37 16.88
C VAL C 179 -14.91 14.25 15.65
N GLU C 180 -13.84 15.03 15.68
CA GLU C 180 -13.40 15.81 14.54
C GLU C 180 -12.95 14.90 13.39
N PHE C 181 -13.46 15.19 12.19
CA PHE C 181 -13.12 14.42 11.03
C PHE C 181 -11.87 14.94 10.32
N GLU C 182 -10.72 14.46 10.79
CA GLU C 182 -9.43 14.69 10.16
C GLU C 182 -8.61 13.42 10.33
N THR C 183 -7.98 12.98 9.24
CA THR C 183 -7.57 11.57 9.09
C THR C 183 -6.08 11.31 9.03
N THR C 184 -5.71 10.07 9.35
CA THR C 184 -4.42 9.52 8.99
C THR C 184 -4.36 9.37 7.44
N SER C 185 -3.20 8.98 6.93
CA SER C 185 -2.93 8.92 5.49
C SER C 185 -3.04 7.49 5.00
N PHE C 186 -3.42 7.33 3.74
CA PHE C 186 -3.56 6.00 3.11
C PHE C 186 -2.93 6.05 1.73
N THR C 187 -2.22 4.96 1.39
CA THR C 187 -1.62 4.76 0.08
C THR C 187 -2.26 3.61 -0.68
N PHE C 188 -2.42 3.80 -1.99
CA PHE C 188 -2.93 2.80 -2.90
C PHE C 188 -2.28 3.07 -4.27
N SER C 189 -2.55 2.21 -5.23
CA SER C 189 -2.14 2.48 -6.60
C SER C 189 -3.25 2.09 -7.53
N TYR C 190 -3.12 2.46 -8.79
CA TYR C 190 -4.08 2.08 -9.80
C TYR C 190 -3.39 2.08 -11.14
N ILE C 191 -3.96 1.31 -12.05
CA ILE C 191 -3.40 1.14 -13.39
C ILE C 191 -3.67 2.41 -14.20
N ALA C 192 -2.63 2.93 -14.84
CA ALA C 192 -2.69 4.17 -15.60
C ALA C 192 -3.21 3.96 -17.03
N GLN C 193 -3.96 4.96 -17.50
CA GLN C 193 -4.52 4.99 -18.85
C GLN C 193 -3.44 4.93 -19.93
N GLU C 194 -2.37 5.72 -19.76
CA GLU C 194 -1.21 5.76 -20.65
C GLU C 194 0.08 5.73 -19.88
#